data_9H0X
#
_entry.id   9H0X
#
_cell.length_a   59.914
_cell.length_b   74.950
_cell.length_c   76.129
_cell.angle_alpha   90.00
_cell.angle_beta   90.00
_cell.angle_gamma   90.00
#
_symmetry.space_group_name_H-M   'P 21 21 21'
#
loop_
_entity.id
_entity.type
_entity.pdbx_description
1 polymer 'Zinc metalloproteinase'
2 non-polymer "(2~{R})-2-(2-methylpropyl)-~{N}-[4-[[4-[(2-methylpropylsulfonylamino)methyl]-1,2,3-triazol-1-yl]methyl]phenyl]-~{N}'-oxidanyl-propanediamide"
3 non-polymer 'ZINC ION'
4 water water
#
_entity_poly.entity_id   1
_entity_poly.type   'polypeptide(L)'
_entity_poly.pdbx_seq_one_letter_code
;EKVQAKGMGFGGNRKIGEYQFGKDLPLLEITRDSSVEMCFMENTDVKVVDMGHKYYSNNKPMQFTCKETPDTQSTKTYYT
GYSADGYDRDNGAASPTNDALYAGYVIKHMYHDWYGVEALTKSDGSPMQLVMRVHYGQGYENAYWDGKQMTFGDGDTMMY
PLVSLGVGGHEVSHGFTEQHSGLEYFGQSGGMNESFSDMAAQAAEYYSVGKNSWQIGPEIMKEDSGYDALRYMDKPSRDG
MSIDVADDYYGGLDVHYSSGVYNHLFYILANQPNWNLRMAFDVMVKANMDYWTPYSTFDEGGCGMLSAAKDLGYNLDDIK
KSLSEVTINYQSCYVD
;
_entity_poly.pdbx_strand_id   A
#
loop_
_chem_comp.id
_chem_comp.type
_chem_comp.name
_chem_comp.formula
A1IRK non-polymer (2~{R})-2-(2-methylpropyl)-~{N}-[4-[[4-[(2-methylpropylsulfonylamino)methyl]-1,2,3-triazol-1-yl]methyl]phenyl]-~{N}'-oxidanyl-propanediamide 'C21 H32 N6 O5 S'
ZN non-polymer 'ZINC ION' 'Zn 2'
#
# COMPACT_ATOMS: atom_id res chain seq x y z
N LYS A 2 7.83 11.40 -24.28
CA LYS A 2 8.54 11.16 -25.54
C LYS A 2 9.88 10.46 -25.33
N VAL A 3 10.72 10.96 -24.42
CA VAL A 3 11.94 10.26 -24.05
C VAL A 3 11.92 10.01 -22.55
N GLN A 4 12.55 8.92 -22.12
CA GLN A 4 12.76 8.69 -20.70
C GLN A 4 13.74 9.74 -20.17
N ALA A 5 13.55 10.11 -18.90
CA ALA A 5 14.46 11.02 -18.21
C ALA A 5 14.44 10.67 -16.73
N LYS A 6 15.30 11.33 -15.95
CA LYS A 6 15.40 11.05 -14.52
C LYS A 6 15.05 12.34 -13.75
N GLY A 7 14.39 12.14 -12.62
CA GLY A 7 14.03 13.27 -11.79
C GLY A 7 14.71 13.25 -10.42
N MET A 8 15.24 14.40 -10.06
CA MET A 8 15.88 14.60 -8.77
CA MET A 8 15.88 14.59 -8.76
CA MET A 8 15.88 14.61 -8.78
C MET A 8 14.99 15.50 -7.92
N GLY A 9 14.85 15.18 -6.65
CA GLY A 9 13.98 15.99 -5.81
C GLY A 9 13.85 15.39 -4.44
N PHE A 10 12.86 15.87 -3.70
CA PHE A 10 12.75 15.53 -2.30
C PHE A 10 11.48 14.77 -2.00
N GLY A 11 11.46 14.15 -0.83
CA GLY A 11 10.32 13.44 -0.29
C GLY A 11 10.32 13.43 1.23
N GLY A 12 9.31 12.80 1.80
CA GLY A 12 9.19 12.75 3.24
C GLY A 12 8.36 13.87 3.80
N ASN A 13 8.44 14.03 5.09
CA ASN A 13 7.65 15.07 5.79
C ASN A 13 8.32 15.46 7.08
N ARG A 14 7.73 16.43 7.76
CA ARG A 14 8.38 17.02 8.92
C ARG A 14 8.47 16.06 10.09
N LYS A 15 7.66 15.02 10.13
CA LYS A 15 7.72 14.04 11.20
C LYS A 15 8.77 12.96 10.96
N ILE A 16 8.74 12.33 9.81
CA ILE A 16 9.69 11.23 9.58
C ILE A 16 11.01 11.70 9.01
N GLY A 17 11.10 12.97 8.63
CA GLY A 17 12.26 13.53 8.00
C GLY A 17 12.13 13.55 6.48
N GLU A 18 12.93 14.41 5.90
CA GLU A 18 12.94 14.62 4.45
C GLU A 18 14.18 13.95 3.87
N TYR A 19 14.11 13.55 2.63
CA TYR A 19 15.17 12.81 1.97
C TYR A 19 15.17 13.18 0.50
N GLN A 20 16.18 12.72 -0.25
CA GLN A 20 16.42 13.15 -1.61
C GLN A 20 16.44 11.94 -2.55
N PHE A 21 15.57 11.97 -3.56
CA PHE A 21 15.66 11.09 -4.71
C PHE A 21 16.85 11.53 -5.55
N GLY A 22 17.85 10.65 -5.67
CA GLY A 22 19.13 11.00 -6.23
C GLY A 22 20.26 10.97 -5.26
N LYS A 23 20.00 10.73 -3.99
CA LYS A 23 21.05 10.62 -2.96
C LYS A 23 20.72 9.50 -1.99
N ASP A 24 19.63 9.65 -1.23
CA ASP A 24 19.19 8.66 -0.25
C ASP A 24 18.41 7.55 -0.91
N LEU A 25 17.62 7.87 -1.93
CA LEU A 25 16.78 6.94 -2.64
C LEU A 25 17.10 7.08 -4.11
N PRO A 26 16.59 6.18 -4.95
CA PRO A 26 16.90 6.29 -6.38
C PRO A 26 16.35 7.57 -7.00
N LEU A 27 16.93 7.95 -8.12
CA LEU A 27 16.33 8.96 -8.99
C LEU A 27 14.98 8.45 -9.51
N LEU A 28 14.03 9.38 -9.67
CA LEU A 28 12.70 9.04 -10.17
C LEU A 28 12.71 8.83 -11.68
N GLU A 29 11.85 7.91 -12.12
CA GLU A 29 11.73 7.65 -13.56
C GLU A 29 10.62 8.51 -14.14
N ILE A 30 10.98 9.47 -14.96
CA ILE A 30 10.02 10.40 -15.55
C ILE A 30 10.11 10.39 -17.08
N THR A 31 9.36 11.24 -17.74
CA THR A 31 9.36 11.31 -19.19
C THR A 31 9.47 12.78 -19.62
N ARG A 32 9.96 13.02 -20.85
CA ARG A 32 10.11 14.37 -21.32
C ARG A 32 9.72 14.49 -22.78
N ASP A 33 9.00 15.57 -23.11
CA ASP A 33 8.67 15.91 -24.51
C ASP A 33 9.43 17.17 -24.87
N SER A 34 10.47 17.02 -25.71
CA SER A 34 11.36 18.14 -25.98
C SER A 34 10.65 19.23 -26.78
N SER A 35 9.64 18.86 -27.59
CA SER A 35 8.94 19.85 -28.42
C SER A 35 8.35 21.00 -27.60
N VAL A 36 8.10 20.78 -26.30
CA VAL A 36 7.52 21.82 -25.43
C VAL A 36 8.35 22.03 -24.16
N GLU A 37 9.53 21.44 -24.09
CA GLU A 37 10.39 21.52 -22.91
C GLU A 37 9.63 21.20 -21.62
N MET A 38 8.88 20.11 -21.64
CA MET A 38 8.07 19.73 -20.49
C MET A 38 8.41 18.32 -20.07
N CYS A 39 8.42 18.07 -18.76
CA CYS A 39 8.62 16.74 -18.20
C CYS A 39 7.30 16.31 -17.57
N PHE A 40 7.14 15.01 -17.40
CA PHE A 40 5.89 14.42 -16.93
C PHE A 40 6.19 13.40 -15.86
N MET A 41 5.39 13.40 -14.80
CA MET A 41 5.58 12.46 -13.67
C MET A 41 4.91 11.13 -14.06
N GLU A 42 5.50 10.49 -15.05
CA GLU A 42 4.95 9.26 -15.57
C GLU A 42 6.06 8.44 -16.19
N ASN A 43 5.94 7.14 -16.02
CA ASN A 43 6.71 6.13 -16.73
C ASN A 43 5.77 5.02 -17.12
N THR A 44 6.29 3.96 -17.72
CA THR A 44 5.39 2.92 -18.21
C THR A 44 4.56 2.37 -17.08
N ASP A 45 5.15 2.20 -15.91
CA ASP A 45 4.49 1.50 -14.83
C ASP A 45 3.61 2.35 -13.91
N VAL A 46 3.90 3.66 -13.81
CA VAL A 46 3.27 4.51 -12.81
C VAL A 46 3.07 5.90 -13.40
N LYS A 47 1.88 6.48 -13.17
CA LYS A 47 1.59 7.87 -13.52
C LYS A 47 1.11 8.58 -12.27
N VAL A 48 1.64 9.79 -12.02
CA VAL A 48 1.16 10.65 -10.96
C VAL A 48 0.33 11.78 -11.56
N VAL A 49 -0.89 11.94 -11.05
CA VAL A 49 -1.80 13.03 -11.41
C VAL A 49 -1.83 14.04 -10.26
N ASP A 50 -1.60 15.31 -10.52
CA ASP A 50 -1.74 16.35 -9.54
C ASP A 50 -3.21 16.81 -9.61
N MET A 51 -4.00 16.45 -8.59
CA MET A 51 -5.40 16.83 -8.61
C MET A 51 -5.59 18.31 -8.29
N GLY A 52 -4.59 19.02 -7.77
CA GLY A 52 -4.73 20.45 -7.49
C GLY A 52 -5.80 20.80 -6.47
N HIS A 53 -6.06 19.92 -5.52
CA HIS A 53 -7.03 20.06 -4.44
C HIS A 53 -8.46 19.98 -5.00
N LYS A 54 -8.64 19.55 -6.24
CA LYS A 54 -9.98 19.28 -6.77
C LYS A 54 -10.34 17.80 -6.55
N TYR A 55 -11.62 17.51 -6.86
CA TYR A 55 -12.20 16.18 -6.71
C TYR A 55 -12.33 15.42 -8.02
N TYR A 56 -12.01 16.06 -9.15
CA TYR A 56 -12.10 15.46 -10.47
C TYR A 56 -10.91 15.91 -11.29
N SER A 57 -10.50 15.08 -12.27
CA SER A 57 -9.35 15.42 -13.11
C SER A 57 -9.48 14.71 -14.43
N ASN A 58 -8.87 15.27 -15.47
CA ASN A 58 -8.68 14.54 -16.71
C ASN A 58 -7.58 13.47 -16.66
N ASN A 59 -6.84 13.33 -15.57
CA ASN A 59 -5.88 12.25 -15.37
C ASN A 59 -4.63 12.38 -16.26
N LYS A 60 -4.42 13.51 -16.88
CA LYS A 60 -3.15 13.77 -17.50
C LYS A 60 -2.08 13.80 -16.42
N PRO A 61 -0.89 13.32 -16.74
CA PRO A 61 0.20 13.34 -15.75
C PRO A 61 0.58 14.75 -15.35
N MET A 62 1.03 14.88 -14.11
CA MET A 62 1.56 16.15 -13.64
C MET A 62 2.71 16.50 -14.62
N GLN A 63 2.78 17.73 -15.03
CA GLN A 63 3.75 18.19 -16.04
C GLN A 63 4.41 19.46 -15.55
N PHE A 64 5.70 19.59 -15.85
CA PHE A 64 6.47 20.71 -15.33
C PHE A 64 7.56 21.06 -16.32
N THR A 65 7.92 22.33 -16.33
CA THR A 65 9.03 22.77 -17.19
C THR A 65 10.32 22.09 -16.76
N CYS A 66 11.08 21.60 -17.74
CA CYS A 66 12.36 20.97 -17.41
C CYS A 66 13.34 21.40 -18.48
N LYS A 67 14.39 22.09 -18.07
CA LYS A 67 15.38 22.73 -18.94
C LYS A 67 16.77 22.41 -18.42
N GLU A 68 17.70 22.49 -19.35
CA GLU A 68 19.10 22.37 -19.00
C GLU A 68 19.52 23.56 -18.11
N THR A 69 20.49 23.30 -17.24
CA THR A 69 21.01 24.26 -16.29
C THR A 69 22.51 24.16 -16.22
N PRO A 70 23.17 25.16 -15.66
CA PRO A 70 24.64 25.11 -15.55
C PRO A 70 25.09 23.94 -14.66
N ASP A 71 26.20 23.32 -15.04
CA ASP A 71 26.69 22.15 -14.31
C ASP A 71 27.68 22.50 -13.18
N THR A 75 20.32 9.19 -20.64
CA THR A 75 19.22 10.06 -20.22
C THR A 75 19.75 11.27 -19.46
N LYS A 76 18.92 12.31 -19.39
CA LYS A 76 19.24 13.55 -18.68
C LYS A 76 18.40 13.56 -17.39
N THR A 77 18.90 14.31 -16.42
CA THR A 77 18.26 14.48 -15.10
C THR A 77 17.78 15.92 -14.92
N TYR A 78 16.61 16.03 -14.30
CA TYR A 78 16.02 17.34 -14.06
C TYR A 78 15.47 17.37 -12.64
N TYR A 79 15.46 18.59 -12.07
CA TYR A 79 14.78 18.72 -10.76
C TYR A 79 13.27 18.76 -10.92
N THR A 80 12.57 18.12 -10.00
CA THR A 80 11.12 18.04 -10.10
C THR A 80 10.45 19.32 -9.59
N GLY A 81 9.14 19.38 -9.80
CA GLY A 81 8.34 20.44 -9.25
C GLY A 81 8.10 21.56 -10.23
N TYR A 82 7.04 22.32 -9.98
CA TYR A 82 6.73 23.42 -10.87
C TYR A 82 7.73 24.56 -10.82
N SER A 83 8.61 24.62 -9.82
CA SER A 83 9.69 25.59 -9.71
C SER A 83 11.06 24.96 -9.94
N ALA A 84 11.11 23.70 -10.36
CA ALA A 84 12.39 23.07 -10.74
C ALA A 84 13.39 23.12 -9.59
N ASP A 85 12.88 22.85 -8.39
CA ASP A 85 13.70 22.86 -7.16
C ASP A 85 13.61 21.57 -6.36
N GLY A 86 12.89 20.57 -6.85
CA GLY A 86 12.75 19.30 -6.19
C GLY A 86 11.57 19.19 -5.25
N TYR A 87 10.83 20.28 -5.06
CA TYR A 87 9.78 20.34 -4.05
C TYR A 87 8.39 20.43 -4.66
N ASP A 88 7.40 20.01 -3.91
CA ASP A 88 6.00 20.22 -4.21
C ASP A 88 5.27 20.24 -2.86
N ARG A 89 5.59 21.25 -2.04
CA ARG A 89 5.28 21.19 -0.62
C ARG A 89 3.78 21.29 -0.38
N ASP A 90 3.28 20.52 0.59
CA ASP A 90 1.90 20.66 1.01
C ASP A 90 1.76 20.09 2.41
N ASN A 91 1.21 20.88 3.32
CA ASN A 91 0.79 20.40 4.63
C ASN A 91 1.90 19.63 5.35
N GLY A 92 3.13 20.13 5.23
CA GLY A 92 4.24 19.55 5.99
C GLY A 92 4.97 18.43 5.30
N ALA A 93 4.59 18.07 4.09
CA ALA A 93 5.33 17.13 3.24
C ALA A 93 6.12 17.84 2.16
N ALA A 94 7.33 17.32 1.87
CA ALA A 94 8.20 17.92 0.87
C ALA A 94 7.66 17.83 -0.55
N SER A 95 7.12 16.68 -0.92
CA SER A 95 6.66 16.47 -2.30
C SER A 95 5.83 15.19 -2.34
N PRO A 96 4.54 15.29 -2.07
CA PRO A 96 3.70 14.10 -2.19
C PRO A 96 3.74 13.49 -3.57
N THR A 97 3.84 14.28 -4.61
CA THR A 97 3.92 13.76 -5.96
C THR A 97 5.19 12.95 -6.20
N ASN A 98 6.36 13.39 -5.74
CA ASN A 98 7.55 12.55 -5.86
C ASN A 98 7.37 11.26 -5.07
N ASP A 99 6.88 11.35 -3.83
CA ASP A 99 6.67 10.16 -2.99
C ASP A 99 5.74 9.18 -3.67
N ALA A 100 4.70 9.64 -4.36
CA ALA A 100 3.77 8.71 -4.99
C ALA A 100 4.41 8.01 -6.15
N LEU A 101 5.19 8.73 -6.97
CA LEU A 101 5.86 8.12 -8.14
C LEU A 101 6.78 7.01 -7.61
N TYR A 102 7.51 7.30 -6.54
CA TYR A 102 8.45 6.32 -5.95
C TYR A 102 7.67 5.18 -5.29
N ALA A 103 6.59 5.48 -4.58
CA ALA A 103 5.76 4.46 -3.90
C ALA A 103 5.30 3.45 -4.95
N GLY A 104 4.80 3.91 -6.10
CA GLY A 104 4.33 2.99 -7.14
C GLY A 104 5.44 2.11 -7.65
N TYR A 105 6.65 2.65 -7.80
CA TYR A 105 7.80 1.86 -8.20
C TYR A 105 8.03 0.72 -7.21
N VAL A 106 8.01 1.02 -5.92
CA VAL A 106 8.37 0.01 -4.93
C VAL A 106 7.32 -1.07 -4.91
N ILE A 107 6.06 -0.73 -4.97
CA ILE A 107 5.01 -1.74 -4.84
C ILE A 107 5.01 -2.63 -6.06
N LYS A 108 5.16 -2.07 -7.26
CA LYS A 108 5.29 -2.85 -8.48
C LYS A 108 6.45 -3.82 -8.33
N HIS A 109 7.60 -3.32 -7.89
CA HIS A 109 8.77 -4.19 -7.80
C HIS A 109 8.65 -5.25 -6.71
N MET A 110 7.98 -4.97 -5.60
CA MET A 110 7.77 -5.99 -4.57
CA MET A 110 7.78 -6.00 -4.58
C MET A 110 7.03 -7.18 -5.14
N TYR A 111 5.88 -6.93 -5.78
CA TYR A 111 5.10 -8.05 -6.30
C TYR A 111 5.89 -8.79 -7.38
N HIS A 112 6.64 -8.10 -8.19
CA HIS A 112 7.44 -8.77 -9.20
C HIS A 112 8.59 -9.58 -8.58
N ASP A 113 9.39 -8.96 -7.71
CA ASP A 113 10.57 -9.61 -7.18
C ASP A 113 10.22 -10.73 -6.23
N TRP A 114 9.22 -10.59 -5.39
CA TRP A 114 8.90 -11.63 -4.43
C TRP A 114 7.99 -12.71 -4.98
N TYR A 115 7.11 -12.39 -5.93
CA TYR A 115 6.06 -13.31 -6.41
C TYR A 115 6.03 -13.52 -7.91
N GLY A 116 6.79 -12.77 -8.68
CA GLY A 116 6.76 -12.88 -10.12
C GLY A 116 5.44 -12.53 -10.75
N VAL A 117 4.70 -11.61 -10.15
CA VAL A 117 3.39 -11.21 -10.67
C VAL A 117 3.30 -9.69 -10.79
N GLU A 118 2.39 -9.26 -11.66
CA GLU A 118 2.00 -7.86 -11.77
C GLU A 118 1.17 -7.43 -10.56
N ALA A 119 1.46 -6.22 -10.05
CA ALA A 119 0.62 -5.65 -9.00
C ALA A 119 -0.83 -5.45 -9.52
N LEU A 120 -0.97 -4.94 -10.74
CA LEU A 120 -2.27 -4.69 -11.33
C LEU A 120 -2.27 -5.15 -12.77
N THR A 121 -3.41 -5.70 -13.22
CA THR A 121 -3.52 -6.14 -14.61
CA THR A 121 -3.52 -6.16 -14.59
C THR A 121 -4.87 -5.71 -15.14
N LYS A 122 -4.92 -5.43 -16.43
CA LYS A 122 -6.17 -5.10 -17.10
C LYS A 122 -7.01 -6.35 -17.32
N SER A 123 -8.30 -6.15 -17.63
CA SER A 123 -9.19 -7.26 -17.90
C SER A 123 -8.72 -8.09 -19.09
N ASP A 124 -8.06 -7.46 -20.04
CA ASP A 124 -7.56 -8.15 -21.24
C ASP A 124 -6.28 -8.93 -20.98
N GLY A 125 -5.71 -8.86 -19.77
CA GLY A 125 -4.57 -9.66 -19.36
C GLY A 125 -3.26 -8.91 -19.23
N SER A 126 -3.15 -7.78 -19.85
CA SER A 126 -1.89 -7.05 -19.87
C SER A 126 -1.62 -6.28 -18.57
N PRO A 127 -0.35 -5.87 -18.32
CA PRO A 127 -0.02 -5.04 -17.13
C PRO A 127 -0.86 -3.78 -17.12
N MET A 128 -1.28 -3.34 -15.93
CA MET A 128 -2.12 -2.12 -15.79
C MET A 128 -1.28 -1.05 -15.09
N GLN A 129 -1.21 0.14 -15.68
CA GLN A 129 -0.40 1.25 -15.10
C GLN A 129 -0.99 1.68 -13.77
N LEU A 130 -0.14 1.90 -12.76
CA LEU A 130 -0.53 2.38 -11.44
C LEU A 130 -0.76 3.89 -11.55
N VAL A 131 -1.98 4.35 -11.37
CA VAL A 131 -2.34 5.78 -11.48
C VAL A 131 -2.55 6.29 -10.08
N MET A 132 -1.70 7.22 -9.66
CA MET A 132 -1.65 7.77 -8.32
C MET A 132 -2.17 9.20 -8.38
N ARG A 133 -3.36 9.45 -7.85
CA ARG A 133 -3.97 10.76 -7.84
C ARG A 133 -3.65 11.43 -6.53
N VAL A 134 -2.86 12.47 -6.58
CA VAL A 134 -2.26 13.11 -5.41
C VAL A 134 -2.89 14.50 -5.24
N HIS A 135 -2.79 15.06 -4.05
CA HIS A 135 -3.37 16.36 -3.73
C HIS A 135 -4.89 16.36 -3.96
N TYR A 136 -5.52 15.23 -3.70
CA TYR A 136 -6.97 15.11 -3.90
C TYR A 136 -7.73 15.92 -2.87
N GLY A 137 -8.66 16.75 -3.30
CA GLY A 137 -9.60 17.37 -2.39
C GLY A 137 -8.95 18.45 -1.52
N GLN A 138 -9.78 19.02 -0.64
CA GLN A 138 -9.37 20.08 0.27
C GLN A 138 -9.42 19.53 1.68
N GLY A 139 -8.27 19.36 2.31
CA GLY A 139 -8.20 18.85 3.70
C GLY A 139 -8.71 17.42 3.79
N TYR A 140 -8.49 16.61 2.74
CA TYR A 140 -9.02 15.22 2.70
C TYR A 140 -8.09 14.31 3.49
N GLU A 141 -8.55 13.79 4.62
CA GLU A 141 -7.70 12.95 5.52
C GLU A 141 -7.99 11.46 5.25
N ASN A 142 -7.75 11.00 4.02
CA ASN A 142 -7.99 9.62 3.64
C ASN A 142 -7.28 9.36 2.32
N ALA A 143 -7.28 8.08 1.96
CA ALA A 143 -6.77 7.57 0.68
C ALA A 143 -7.62 6.35 0.35
N TYR A 144 -7.76 6.02 -0.92
CA TYR A 144 -8.65 4.92 -1.28
C TYR A 144 -8.34 4.41 -2.69
N TRP A 145 -8.83 3.19 -2.93
CA TRP A 145 -8.87 2.53 -4.24
C TRP A 145 -10.29 2.62 -4.77
N ASP A 146 -10.45 2.98 -6.04
CA ASP A 146 -11.77 3.22 -6.60
C ASP A 146 -12.16 2.23 -7.69
N GLY A 147 -11.34 1.20 -7.92
CA GLY A 147 -11.62 0.16 -8.93
C GLY A 147 -10.66 0.25 -10.12
N LYS A 148 -9.97 1.38 -10.28
CA LYS A 148 -9.01 1.55 -11.40
C LYS A 148 -7.77 2.37 -11.00
N GLN A 149 -7.81 3.10 -9.88
CA GLN A 149 -6.68 3.98 -9.52
C GLN A 149 -6.61 4.19 -8.01
N MET A 150 -5.59 4.91 -7.54
CA MET A 150 -5.30 5.13 -6.13
C MET A 150 -5.42 6.62 -5.92
N THR A 151 -6.05 7.07 -4.87
CA THR A 151 -6.28 8.49 -4.57
C THR A 151 -5.84 8.80 -3.17
N PHE A 152 -5.09 9.89 -3.03
CA PHE A 152 -4.47 10.29 -1.77
C PHE A 152 -4.78 11.73 -1.47
N GLY A 153 -5.37 11.98 -0.32
CA GLY A 153 -5.52 13.33 0.17
C GLY A 153 -4.23 13.93 0.70
N ASP A 154 -4.29 15.23 0.94
CA ASP A 154 -3.19 16.00 1.54
C ASP A 154 -3.32 16.09 3.04
N GLY A 155 -4.29 15.46 3.65
CA GLY A 155 -4.46 15.54 5.09
C GLY A 155 -4.97 16.90 5.51
N ASP A 156 -4.92 17.12 6.83
CA ASP A 156 -5.36 18.36 7.46
C ASP A 156 -4.67 18.43 8.81
N THR A 157 -5.43 18.57 9.92
CA THR A 157 -4.82 18.84 11.22
C THR A 157 -4.30 17.57 11.88
N MET A 158 -4.87 16.42 11.56
CA MET A 158 -4.49 15.17 12.19
C MET A 158 -3.45 14.40 11.38
N MET A 159 -3.46 14.55 10.05
CA MET A 159 -2.58 13.79 9.17
C MET A 159 -1.80 14.69 8.20
N TYR A 160 -0.54 14.33 7.92
CA TYR A 160 0.22 14.79 6.78
C TYR A 160 -0.41 14.23 5.50
N PRO A 161 0.04 14.67 4.34
CA PRO A 161 -0.38 14.05 3.08
C PRO A 161 -0.22 12.55 3.14
N LEU A 162 -1.21 11.85 2.60
CA LEU A 162 -1.30 10.39 2.77
C LEU A 162 -0.53 9.66 1.71
N VAL A 163 0.71 9.97 1.54
CA VAL A 163 1.52 9.37 0.50
C VAL A 163 2.76 8.95 1.21
N SER A 164 2.89 7.68 1.45
CA SER A 164 4.04 6.97 2.03
C SER A 164 4.12 5.63 1.37
N LEU A 165 5.23 4.91 1.57
CA LEU A 165 5.32 3.58 1.00
CA LEU A 165 5.32 3.60 0.99
C LEU A 165 4.22 2.68 1.51
N GLY A 166 3.95 2.71 2.80
CA GLY A 166 2.95 1.82 3.36
C GLY A 166 1.55 2.15 2.85
N VAL A 167 1.21 3.45 2.82
CA VAL A 167 -0.12 3.82 2.34
C VAL A 167 -0.24 3.48 0.87
N GLY A 168 0.77 3.76 0.08
CA GLY A 168 0.75 3.35 -1.32
C GLY A 168 0.61 1.87 -1.51
N GLY A 169 1.33 1.07 -0.76
CA GLY A 169 1.22 -0.38 -0.84
C GLY A 169 -0.16 -0.86 -0.45
N HIS A 170 -0.75 -0.24 0.57
CA HIS A 170 -2.11 -0.55 1.00
C HIS A 170 -3.06 -0.33 -0.16
N GLU A 171 -3.04 0.85 -0.75
CA GLU A 171 -4.07 1.19 -1.73
C GLU A 171 -3.92 0.37 -3.00
N VAL A 172 -2.71 0.21 -3.51
CA VAL A 172 -2.51 -0.61 -4.70
C VAL A 172 -2.99 -2.02 -4.46
N SER A 173 -2.76 -2.51 -3.23
CA SER A 173 -3.08 -3.89 -2.92
C SER A 173 -4.60 -4.12 -2.83
N HIS A 174 -5.44 -3.08 -2.69
CA HIS A 174 -6.87 -3.25 -2.88
C HIS A 174 -7.17 -3.68 -4.30
N GLY A 175 -6.40 -3.17 -5.27
CA GLY A 175 -6.57 -3.59 -6.65
C GLY A 175 -6.10 -5.02 -6.84
N PHE A 176 -4.96 -5.37 -6.23
CA PHE A 176 -4.49 -6.75 -6.28
C PHE A 176 -5.54 -7.71 -5.77
N THR A 177 -6.18 -7.38 -4.65
CA THR A 177 -7.24 -8.22 -4.11
C THR A 177 -8.42 -8.25 -5.05
N GLU A 178 -8.89 -7.11 -5.55
CA GLU A 178 -10.05 -7.10 -6.44
CA GLU A 178 -10.05 -7.10 -6.44
C GLU A 178 -9.84 -8.01 -7.63
N GLN A 179 -8.60 -8.10 -8.11
CA GLN A 179 -8.27 -8.76 -9.40
C GLN A 179 -7.91 -10.23 -9.13
N HIS A 180 -7.86 -10.65 -7.86
CA HIS A 180 -7.56 -12.06 -7.48
C HIS A 180 -8.74 -12.70 -6.74
N SER A 181 -8.69 -12.74 -5.41
CA SER A 181 -9.79 -13.32 -4.60
C SER A 181 -11.09 -12.56 -4.83
N GLY A 182 -11.04 -11.25 -5.05
CA GLY A 182 -12.25 -10.46 -5.16
C GLY A 182 -13.00 -10.30 -3.87
N LEU A 183 -12.31 -10.40 -2.72
CA LEU A 183 -12.97 -10.19 -1.44
C LEU A 183 -13.85 -8.94 -1.47
N GLU A 184 -15.12 -9.10 -1.16
CA GLU A 184 -16.07 -8.01 -1.28
C GLU A 184 -15.95 -7.08 -0.08
N TYR A 185 -16.20 -5.78 -0.31
CA TYR A 185 -15.83 -4.72 0.66
C TYR A 185 -16.89 -4.47 1.74
N PHE A 186 -17.39 -5.53 2.37
CA PHE A 186 -18.33 -5.46 3.47
C PHE A 186 -18.21 -6.77 4.24
N GLY A 187 -18.76 -6.75 5.45
CA GLY A 187 -18.76 -7.98 6.26
C GLY A 187 -17.38 -8.51 6.58
N GLN A 188 -17.31 -9.81 6.80
CA GLN A 188 -16.04 -10.44 7.13
C GLN A 188 -15.05 -10.39 5.98
N SER A 189 -15.54 -10.56 4.75
CA SER A 189 -14.62 -10.50 3.61
C SER A 189 -14.01 -9.12 3.47
N GLY A 190 -14.79 -8.11 3.79
CA GLY A 190 -14.30 -6.75 3.71
C GLY A 190 -13.22 -6.47 4.74
N GLY A 191 -13.40 -7.03 5.95
CA GLY A 191 -12.34 -6.94 6.93
C GLY A 191 -11.07 -7.64 6.45
N MET A 192 -11.20 -8.80 5.82
CA MET A 192 -10.03 -9.47 5.24
C MET A 192 -9.38 -8.66 4.12
N ASN A 193 -10.23 -7.99 3.32
CA ASN A 193 -9.73 -7.14 2.21
C ASN A 193 -8.86 -6.01 2.78
N GLU A 194 -9.43 -5.31 3.76
CA GLU A 194 -8.65 -4.26 4.41
C GLU A 194 -7.39 -4.79 5.05
N SER A 195 -7.49 -5.95 5.72
CA SER A 195 -6.31 -6.52 6.35
CA SER A 195 -6.31 -6.50 6.34
C SER A 195 -5.23 -6.82 5.35
N PHE A 196 -5.58 -7.45 4.23
CA PHE A 196 -4.55 -7.80 3.25
C PHE A 196 -3.79 -6.55 2.84
N SER A 197 -4.53 -5.45 2.64
CA SER A 197 -3.85 -4.21 2.28
C SER A 197 -2.92 -3.70 3.41
N ASP A 198 -3.31 -3.87 4.68
CA ASP A 198 -2.39 -3.52 5.77
C ASP A 198 -1.18 -4.44 5.80
N MET A 199 -1.38 -5.72 5.49
CA MET A 199 -0.26 -6.64 5.40
C MET A 199 0.70 -6.21 4.32
N ALA A 200 0.15 -5.78 3.18
CA ALA A 200 0.98 -5.37 2.07
C ALA A 200 1.74 -4.11 2.39
N ALA A 201 1.18 -3.22 3.20
CA ALA A 201 1.92 -2.04 3.67
C ALA A 201 3.19 -2.47 4.40
N GLN A 202 3.04 -3.43 5.30
CA GLN A 202 4.19 -3.96 6.03
C GLN A 202 5.19 -4.61 5.10
N ALA A 203 4.68 -5.39 4.13
CA ALA A 203 5.56 -6.04 3.17
C ALA A 203 6.37 -5.01 2.38
N ALA A 204 5.72 -3.95 1.93
CA ALA A 204 6.44 -2.94 1.16
C ALA A 204 7.55 -2.33 1.95
N GLU A 205 7.29 -2.05 3.24
CA GLU A 205 8.33 -1.48 4.08
C GLU A 205 9.49 -2.47 4.26
N TYR A 206 9.19 -3.75 4.54
CA TYR A 206 10.22 -4.75 4.75
C TYR A 206 11.02 -4.98 3.45
N TYR A 207 10.30 -5.06 2.34
CA TYR A 207 10.98 -5.20 1.05
C TYR A 207 11.94 -4.03 0.80
N SER A 208 11.50 -2.80 1.10
CA SER A 208 12.33 -1.63 0.79
C SER A 208 13.53 -1.48 1.69
N VAL A 209 13.36 -1.64 3.01
CA VAL A 209 14.37 -1.23 3.98
C VAL A 209 14.64 -2.28 5.04
N GLY A 210 13.99 -3.41 4.98
CA GLY A 210 14.28 -4.50 5.86
C GLY A 210 13.76 -4.38 7.26
N LYS A 211 12.82 -3.48 7.48
CA LYS A 211 12.19 -3.25 8.77
C LYS A 211 10.79 -2.74 8.47
N ASN A 212 9.85 -3.06 9.35
CA ASN A 212 8.46 -2.62 9.25
C ASN A 212 7.99 -2.28 10.66
N SER A 213 6.99 -1.40 10.72
CA SER A 213 6.59 -0.80 11.98
C SER A 213 5.53 -1.61 12.75
N TRP A 214 4.83 -2.52 12.07
CA TRP A 214 3.67 -3.21 12.60
C TRP A 214 2.57 -2.23 12.90
N GLN A 215 2.60 -1.08 12.25
CA GLN A 215 1.60 -0.05 12.43
C GLN A 215 1.21 0.49 11.08
N ILE A 216 0.06 1.10 10.99
CA ILE A 216 -0.42 1.75 9.78
C ILE A 216 -0.52 3.22 10.06
N GLY A 217 0.15 4.00 9.20
CA GLY A 217 0.10 5.44 9.30
C GLY A 217 0.94 6.19 10.33
N PRO A 218 1.86 5.61 11.11
CA PRO A 218 2.60 6.45 12.06
C PRO A 218 3.38 7.56 11.34
N GLU A 219 3.87 7.29 10.14
CA GLU A 219 4.65 8.28 9.40
C GLU A 219 3.81 9.42 8.89
N ILE A 220 2.49 9.31 8.90
CA ILE A 220 1.62 10.40 8.44
C ILE A 220 0.75 10.99 9.53
N MET A 221 0.84 10.53 10.77
CA MET A 221 0.07 11.15 11.85
C MET A 221 0.81 12.37 12.36
N LYS A 222 0.10 13.48 12.49
CA LYS A 222 0.72 14.67 13.07
C LYS A 222 0.95 14.49 14.57
N GLU A 223 2.11 14.96 15.07
CA GLU A 223 2.46 14.70 16.47
C GLU A 223 1.43 15.34 17.41
N ASP A 224 0.92 16.51 17.05
CA ASP A 224 -0.08 17.17 17.87
C ASP A 224 -1.42 16.43 17.91
N SER A 225 -1.60 15.39 17.10
CA SER A 225 -2.90 14.72 17.06
C SER A 225 -3.17 13.84 18.28
N GLY A 226 -2.12 13.41 18.99
CA GLY A 226 -2.26 12.47 20.09
C GLY A 226 -2.31 11.00 19.73
N TYR A 227 -2.26 10.64 18.44
CA TYR A 227 -2.27 9.25 17.99
C TYR A 227 -0.91 8.90 17.42
N ASP A 228 -0.29 7.84 17.94
CA ASP A 228 0.97 7.41 17.35
C ASP A 228 0.77 6.85 15.95
N ALA A 229 -0.34 6.18 15.71
CA ALA A 229 -0.59 5.53 14.43
C ALA A 229 -2.10 5.49 14.23
N LEU A 230 -2.50 5.17 13.01
CA LEU A 230 -3.92 4.94 12.72
C LEU A 230 -4.36 3.57 13.17
N ARG A 231 -3.59 2.53 12.86
CA ARG A 231 -3.87 1.16 13.29
C ARG A 231 -2.61 0.52 13.80
N TYR A 232 -2.78 -0.50 14.65
CA TYR A 232 -1.72 -1.25 15.30
C TYR A 232 -1.96 -2.71 15.01
N MET A 233 -1.04 -3.42 14.42
CA MET A 233 -1.28 -4.81 14.07
C MET A 233 -0.91 -5.76 15.19
N ASP A 234 -0.06 -5.36 16.13
CA ASP A 234 0.25 -6.20 17.30
C ASP A 234 -0.94 -6.38 18.23
N LYS A 235 -1.80 -5.35 18.35
CA LYS A 235 -2.92 -5.30 19.29
C LYS A 235 -3.87 -4.27 18.71
N PRO A 236 -4.71 -4.68 17.77
CA PRO A 236 -5.57 -3.71 17.06
C PRO A 236 -6.39 -2.86 17.98
N SER A 237 -6.85 -3.40 19.10
CA SER A 237 -7.75 -2.68 20.04
C SER A 237 -7.05 -1.46 20.65
N ARG A 238 -5.74 -1.35 20.47
CA ARG A 238 -5.08 -0.10 20.97
CA ARG A 238 -5.07 -0.10 20.97
C ARG A 238 -5.61 1.22 20.35
N ASP A 239 -6.26 1.10 19.18
CA ASP A 239 -6.83 2.30 18.49
C ASP A 239 -8.24 2.62 19.01
N GLY A 240 -8.80 1.84 19.95
CA GLY A 240 -10.09 2.13 20.50
C GLY A 240 -11.29 1.70 19.69
N MET A 241 -11.12 1.06 18.54
CA MET A 241 -12.24 0.69 17.66
C MET A 241 -12.07 -0.67 17.02
N SER A 242 -10.86 -1.10 16.73
CA SER A 242 -10.59 -2.36 16.05
C SER A 242 -10.64 -3.51 17.02
N ILE A 243 -10.88 -4.69 16.47
CA ILE A 243 -11.00 -5.91 17.26
C ILE A 243 -9.78 -6.80 17.11
N ASP A 244 -9.53 -7.59 18.13
CA ASP A 244 -8.31 -8.41 18.23
C ASP A 244 -8.57 -9.88 17.89
N VAL A 245 -9.83 -10.31 17.92
CA VAL A 245 -10.20 -11.71 17.73
C VAL A 245 -11.52 -11.74 16.99
N ALA A 246 -11.74 -12.87 16.28
CA ALA A 246 -12.96 -13.00 15.50
C ALA A 246 -14.20 -13.08 16.35
N ASP A 247 -14.07 -13.49 17.61
CA ASP A 247 -15.23 -13.58 18.49
C ASP A 247 -15.82 -12.23 18.84
N ASP A 248 -15.11 -11.12 18.58
CA ASP A 248 -15.61 -9.78 18.81
C ASP A 248 -16.20 -9.13 17.56
N TYR A 249 -16.24 -9.84 16.45
CA TYR A 249 -16.84 -9.33 15.22
C TYR A 249 -18.36 -9.30 15.34
N TYR A 250 -18.99 -8.31 14.73
CA TYR A 250 -20.45 -8.27 14.62
C TYR A 250 -20.80 -7.64 13.29
N GLY A 251 -21.98 -8.00 12.79
CA GLY A 251 -22.43 -7.39 11.57
C GLY A 251 -22.62 -5.90 11.72
N GLY A 252 -22.10 -5.16 10.76
CA GLY A 252 -22.11 -3.71 10.78
C GLY A 252 -20.81 -3.09 11.23
N LEU A 253 -19.92 -3.85 11.85
CA LEU A 253 -18.63 -3.30 12.24
C LEU A 253 -17.91 -2.91 10.96
N ASP A 254 -17.35 -1.72 10.91
CA ASP A 254 -16.72 -1.24 9.69
C ASP A 254 -15.50 -2.08 9.34
N VAL A 255 -15.20 -2.22 8.04
CA VAL A 255 -14.11 -3.01 7.53
C VAL A 255 -12.79 -2.52 8.07
N HIS A 256 -12.62 -1.24 8.39
CA HIS A 256 -11.35 -0.72 8.91
C HIS A 256 -11.14 -1.02 10.39
N TYR A 257 -12.10 -1.64 11.02
CA TYR A 257 -12.03 -2.08 12.42
C TYR A 257 -12.05 -3.59 12.49
N SER A 258 -12.85 -4.26 11.67
CA SER A 258 -12.81 -5.73 11.62
C SER A 258 -11.54 -6.24 10.96
N SER A 259 -10.80 -5.37 10.26
CA SER A 259 -9.49 -5.72 9.77
C SER A 259 -8.55 -6.13 10.90
N GLY A 260 -8.85 -5.78 12.14
CA GLY A 260 -8.01 -6.18 13.25
C GLY A 260 -7.82 -7.67 13.32
N VAL A 261 -8.82 -8.45 12.94
CA VAL A 261 -8.69 -9.90 13.09
C VAL A 261 -7.52 -10.45 12.26
N TYR A 262 -7.52 -10.18 10.96
CA TYR A 262 -6.48 -10.68 10.08
C TYR A 262 -5.19 -9.90 10.27
N ASN A 263 -5.24 -8.64 10.73
CA ASN A 263 -4.02 -7.91 11.00
C ASN A 263 -3.29 -8.56 12.16
N HIS A 264 -4.03 -8.89 13.22
CA HIS A 264 -3.47 -9.55 14.39
C HIS A 264 -2.96 -10.92 14.00
N LEU A 265 -3.74 -11.64 13.18
CA LEU A 265 -3.32 -12.95 12.70
C LEU A 265 -2.00 -12.87 11.97
N PHE A 266 -1.85 -11.87 11.10
CA PHE A 266 -0.61 -11.74 10.34
C PHE A 266 0.59 -11.48 11.25
N TYR A 267 0.40 -10.60 12.23
CA TYR A 267 1.45 -10.32 13.18
C TYR A 267 1.82 -11.58 13.94
N ILE A 268 0.81 -12.31 14.45
CA ILE A 268 1.06 -13.52 15.24
C ILE A 268 1.83 -14.56 14.42
N LEU A 269 1.39 -14.79 13.18
CA LEU A 269 2.03 -15.79 12.31
C LEU A 269 3.47 -15.42 11.98
N ALA A 270 3.70 -14.15 11.63
CA ALA A 270 5.04 -13.69 11.31
C ALA A 270 6.00 -13.76 12.48
N ASN A 271 5.49 -13.81 13.70
CA ASN A 271 6.31 -13.86 14.90
C ASN A 271 6.35 -15.24 15.54
N GLN A 272 5.77 -16.26 14.91
CA GLN A 272 5.95 -17.61 15.43
C GLN A 272 7.43 -18.02 15.32
N PRO A 273 7.91 -18.89 16.20
CA PRO A 273 9.27 -19.42 16.01
C PRO A 273 9.39 -20.03 14.61
N ASN A 274 10.47 -19.71 13.94
CA ASN A 274 10.82 -20.23 12.62
C ASN A 274 10.03 -19.53 11.53
N TRP A 275 9.26 -18.49 11.84
CA TRP A 275 8.58 -17.70 10.83
C TRP A 275 9.17 -16.29 10.76
N ASN A 276 8.74 -15.58 9.74
CA ASN A 276 9.11 -14.18 9.55
C ASN A 276 8.03 -13.55 8.70
N LEU A 277 8.15 -12.26 8.45
CA LEU A 277 7.16 -11.52 7.70
C LEU A 277 6.99 -12.09 6.30
N ARG A 278 8.14 -12.39 5.64
CA ARG A 278 8.04 -12.87 4.27
C ARG A 278 7.27 -14.17 4.16
N MET A 279 7.53 -15.12 5.06
CA MET A 279 6.81 -16.39 5.00
CA MET A 279 6.80 -16.38 4.99
C MET A 279 5.33 -16.15 5.24
N ALA A 280 4.97 -15.31 6.22
CA ALA A 280 3.59 -15.03 6.50
C ALA A 280 2.91 -14.38 5.31
N PHE A 281 3.60 -13.42 4.67
CA PHE A 281 3.00 -12.77 3.52
C PHE A 281 2.91 -13.73 2.34
N ASP A 282 3.86 -14.66 2.20
CA ASP A 282 3.77 -15.66 1.13
C ASP A 282 2.45 -16.45 1.28
N VAL A 283 2.07 -16.79 2.50
CA VAL A 283 0.83 -17.54 2.71
C VAL A 283 -0.38 -16.70 2.31
N MET A 284 -0.43 -15.44 2.77
CA MET A 284 -1.53 -14.53 2.45
C MET A 284 -1.65 -14.25 0.98
N VAL A 285 -0.52 -14.00 0.31
CA VAL A 285 -0.56 -13.74 -1.12
C VAL A 285 -1.11 -14.96 -1.85
N LYS A 286 -0.60 -16.16 -1.53
CA LYS A 286 -1.06 -17.36 -2.19
C LYS A 286 -2.51 -17.62 -1.92
N ALA A 287 -2.96 -17.41 -0.69
CA ALA A 287 -4.39 -17.55 -0.40
C ALA A 287 -5.22 -16.57 -1.20
N ASN A 288 -4.77 -15.31 -1.32
CA ASN A 288 -5.52 -14.33 -2.11
C ASN A 288 -5.58 -14.78 -3.56
N MET A 289 -4.50 -15.30 -4.09
CA MET A 289 -4.47 -15.67 -5.50
CA MET A 289 -4.46 -15.67 -5.49
CA MET A 289 -4.47 -15.67 -5.50
C MET A 289 -5.27 -16.93 -5.77
N ASP A 290 -5.23 -17.94 -4.86
CA ASP A 290 -5.66 -19.27 -5.23
C ASP A 290 -6.82 -19.85 -4.43
N TYR A 291 -7.16 -19.30 -3.27
CA TYR A 291 -8.11 -19.95 -2.37
C TYR A 291 -9.25 -19.07 -1.87
N TRP A 292 -8.98 -17.82 -1.47
CA TRP A 292 -10.03 -16.98 -0.89
C TRP A 292 -11.07 -16.68 -1.96
N THR A 293 -12.33 -16.61 -1.54
CA THR A 293 -13.45 -16.37 -2.45
C THR A 293 -14.10 -15.03 -2.09
N PRO A 294 -14.90 -14.48 -2.99
CA PRO A 294 -15.37 -13.10 -2.78
C PRO A 294 -16.15 -12.87 -1.50
N TYR A 295 -16.92 -13.82 -1.03
CA TYR A 295 -17.72 -13.67 0.18
C TYR A 295 -17.11 -14.42 1.37
N SER A 296 -15.79 -14.64 1.37
CA SER A 296 -15.15 -15.43 2.40
C SER A 296 -15.55 -14.96 3.77
N THR A 297 -15.80 -15.92 4.66
CA THR A 297 -15.85 -15.66 6.09
C THR A 297 -14.41 -15.74 6.63
N PHE A 298 -14.21 -15.25 7.86
CA PHE A 298 -12.90 -15.39 8.50
C PHE A 298 -12.48 -16.87 8.60
N ASP A 299 -13.41 -17.76 8.95
CA ASP A 299 -13.09 -19.18 9.04
C ASP A 299 -12.70 -19.76 7.68
N GLU A 300 -13.49 -19.45 6.64
CA GLU A 300 -13.13 -19.96 5.33
C GLU A 300 -11.78 -19.42 4.91
N GLY A 301 -11.46 -18.19 5.29
CA GLY A 301 -10.16 -17.62 4.96
C GLY A 301 -9.02 -18.35 5.63
N GLY A 302 -9.26 -18.83 6.85
CA GLY A 302 -8.25 -19.62 7.58
C GLY A 302 -8.03 -20.94 6.88
N CYS A 303 -9.09 -21.53 6.34
CA CYS A 303 -8.90 -22.81 5.45
CA CYS A 303 -8.92 -22.79 5.54
C CYS A 303 -8.11 -22.53 4.24
N GLY A 304 -8.26 -21.34 3.68
CA GLY A 304 -7.50 -20.95 2.48
C GLY A 304 -6.03 -20.75 2.82
N MET A 305 -5.72 -20.25 4.02
CA MET A 305 -4.33 -20.12 4.46
C MET A 305 -3.69 -21.49 4.70
N LEU A 306 -4.47 -22.43 5.25
CA LEU A 306 -3.94 -23.77 5.46
C LEU A 306 -3.59 -24.42 4.13
N SER A 307 -4.45 -24.26 3.12
CA SER A 307 -4.16 -24.85 1.82
C SER A 307 -2.96 -24.16 1.17
N ALA A 308 -2.84 -22.86 1.31
CA ALA A 308 -1.69 -22.13 0.78
C ALA A 308 -0.40 -22.58 1.45
N ALA A 309 -0.41 -22.66 2.77
CA ALA A 309 0.77 -23.12 3.50
C ALA A 309 1.16 -24.53 3.10
N LYS A 310 0.19 -25.42 2.86
CA LYS A 310 0.51 -26.78 2.39
C LYS A 310 1.22 -26.70 1.04
N ASP A 311 0.71 -25.89 0.13
CA ASP A 311 1.37 -25.72 -1.17
C ASP A 311 2.79 -25.23 -1.02
N LEU A 312 3.06 -24.31 -0.09
CA LEU A 312 4.36 -23.71 0.13
C LEU A 312 5.30 -24.57 0.93
N GLY A 313 4.81 -25.66 1.52
CA GLY A 313 5.59 -26.53 2.37
C GLY A 313 5.85 -25.97 3.74
N TYR A 314 5.00 -25.05 4.23
CA TYR A 314 5.18 -24.44 5.54
C TYR A 314 4.39 -25.23 6.58
N ASN A 315 4.74 -24.99 7.85
CA ASN A 315 4.21 -25.81 8.93
C ASN A 315 2.76 -25.46 9.27
N LEU A 316 1.87 -26.43 9.08
CA LEU A 316 0.41 -26.18 9.23
C LEU A 316 0.02 -26.04 10.71
N ASP A 317 0.81 -26.61 11.63
CA ASP A 317 0.51 -26.48 13.08
C ASP A 317 0.79 -25.04 13.53
N ASP A 318 1.70 -24.34 12.85
CA ASP A 318 1.99 -22.93 13.18
C ASP A 318 0.83 -22.07 12.67
N ILE A 319 0.25 -22.39 11.52
CA ILE A 319 -0.92 -21.67 11.04
C ILE A 319 -2.09 -21.88 12.02
N LYS A 320 -2.31 -23.13 12.44
CA LYS A 320 -3.43 -23.45 13.30
C LYS A 320 -3.29 -22.76 14.64
N LYS A 321 -2.09 -22.73 15.21
CA LYS A 321 -1.92 -22.02 16.47
C LYS A 321 -2.27 -20.53 16.31
N SER A 322 -1.86 -19.95 15.18
CA SER A 322 -2.13 -18.52 14.94
C SER A 322 -3.62 -18.29 14.79
N LEU A 323 -4.30 -19.12 14.00
CA LEU A 323 -5.77 -19.00 13.83
C LEU A 323 -6.47 -19.13 15.17
N SER A 324 -6.04 -20.09 15.96
CA SER A 324 -6.66 -20.27 17.28
C SER A 324 -6.51 -19.04 18.16
N GLU A 325 -5.34 -18.38 18.09
CA GLU A 325 -5.11 -17.20 18.93
C GLU A 325 -6.05 -16.09 18.56
N VAL A 326 -6.54 -16.01 17.31
CA VAL A 326 -7.51 -14.98 16.91
C VAL A 326 -8.94 -15.55 16.88
N THR A 327 -9.14 -16.67 17.49
CA THR A 327 -10.42 -17.38 17.64
C THR A 327 -11.09 -17.74 16.30
N ILE A 328 -10.32 -18.05 15.28
CA ILE A 328 -10.85 -18.59 14.02
C ILE A 328 -10.91 -20.09 14.17
N ASN A 329 -12.01 -20.69 13.77
CA ASN A 329 -12.25 -22.12 13.85
C ASN A 329 -11.92 -22.75 12.50
N TYR A 330 -11.25 -23.89 12.55
CA TYR A 330 -10.79 -24.62 11.36
C TYR A 330 -11.20 -26.08 11.45
N GLN A 331 -12.18 -26.45 12.32
CA GLN A 331 -12.51 -27.85 12.53
C GLN A 331 -13.06 -28.48 11.25
N SER A 332 -13.63 -27.67 10.34
CA SER A 332 -14.24 -28.18 9.09
C SER A 332 -13.24 -28.12 7.92
N CYS A 333 -12.04 -27.59 8.14
CA CYS A 333 -11.05 -27.44 6.99
CA CYS A 333 -11.08 -27.44 7.01
C CYS A 333 -10.38 -28.75 6.57
N TYR A 334 -11.08 -29.51 5.71
CA TYR A 334 -10.55 -30.79 5.18
C TYR A 334 -10.92 -30.88 3.70
C1 A1IRK B . -11.52 4.39 8.94
C2 A1IRK B . -10.42 4.39 8.11
C3 A1IRK B . -10.55 4.77 6.77
C4 A1IRK B . -11.82 5.09 6.30
C5 A1IRK B . -12.92 5.03 7.13
C6 A1IRK B . -12.78 4.67 8.46
C8 A1IRK B . -7.49 4.25 4.58
C9 A1IRK B . -7.87 3.01 3.71
C10 A1IRK B . -13.99 4.57 9.36
C11 A1IRK B . -14.11 6.99 10.10
C12 A1IRK B . -15.10 7.94 9.97
C13 A1IRK B . -15.13 9.37 10.38
C14 A1IRK B . -5.98 4.26 4.81
C15 A1IRK B . -5.45 5.44 5.64
C16 A1IRK B . -5.66 6.78 4.97
C17 A1IRK B . -3.99 5.27 5.97
C18 A1IRK B . -14.21 9.64 6.80
C19 A1IRK B . -12.73 9.96 6.53
C20 A1IRK B . -11.95 8.67 6.34
C21 A1IRK B . -12.59 10.88 5.35
C7 A1IRK B . -8.30 4.18 5.87
N1 A1IRK B . -9.48 4.85 5.87
N2 A1IRK B . -7.88 3.21 2.39
N3 A1IRK B . -14.62 5.87 9.55
N4 A1IRK B . -15.85 6.09 9.08
N5 A1IRK B . -16.15 7.34 9.34
N6 A1IRK B . -14.40 10.27 9.48
O1 A1IRK B . -8.13 2.12 1.56
O2 A1IRK B . -16.39 10.40 7.99
O3 A1IRK B . -14.56 12.04 7.76
O4 A1IRK B . -7.92 3.48 6.82
O5 A1IRK B . -8.09 1.89 4.20
S1 A1IRK B . -14.99 10.70 8.00
H3 A1IRK B . -11.38 4.17 9.99
H4 A1IRK B . -9.46 4.09 8.52
H5 A1IRK B . -11.96 5.38 5.26
H6 A1IRK B . -13.90 5.27 6.72
H1 A1IRK B . -7.80 5.19 4.13
H10 A1IRK B . -13.71 4.17 10.33
H9 A1IRK B . -14.72 3.88 8.95
H11 A1IRK B . -13.13 7.07 10.56
H12 A1IRK B . -16.17 9.66 10.46
H13 A1IRK B . -14.72 9.42 11.39
H16 A1IRK B . -5.66 3.34 5.31
H15 A1IRK B . -5.44 4.28 3.87
H17 A1IRK B . -6.04 5.44 6.56
H18 A1IRK B . -5.19 6.81 3.98
H19 A1IRK B . -5.22 7.59 5.55
H20 A1IRK B . -6.71 7.01 4.84
H23 A1IRK B . -3.37 5.23 5.07
H21 A1IRK B . -3.78 4.34 6.51
H22 A1IRK B . -3.59 6.09 6.57
H25 A1IRK B . -14.28 8.58 7.08
H24 A1IRK B . -14.73 9.65 5.84
H26 A1IRK B . -12.32 10.46 7.40
H28 A1IRK B . -12.28 8.11 5.47
H27 A1IRK B . -12.03 8.00 7.20
H29 A1IRK B . -10.88 8.86 6.20
H30 A1IRK B . -12.93 10.41 4.42
H32 A1IRK B . -11.55 11.18 5.19
H31 A1IRK B . -13.17 11.79 5.47
H7 A1IRK B . -9.64 5.51 5.11
H8 A1IRK B . -8.14 4.07 1.91
H14 A1IRK B . -13.52 10.59 9.87
H2 A1IRK B . -8.82 2.44 0.93
ZN ZN C . -7.98 0.36 2.61
#